data_4BCT
#
_entry.id   4BCT
#
_cell.length_a   71.541
_cell.length_b   48.312
_cell.length_c   50.580
_cell.angle_alpha   90.00
_cell.angle_beta   100.72
_cell.angle_gamma   90.00
#
_symmetry.space_group_name_H-M   'C 1 2 1'
#
loop_
_entity.id
_entity.type
_entity.pdbx_description
1 polymer 'THAUMATIN-LIKE PROTEIN'
2 non-polymer '4-(2-HYDROXYETHYL)-1-PIPERAZINE ETHANESULFONIC ACID'
3 water water
#
_entity_poly.entity_id   1
_entity_poly.type   'polypeptide(L)'
_entity_poly.pdbx_seq_one_letter_code
;ATFNIINNCPFTVWAAAVPGGGKRLDRGQNWIINPGAGTKGARVWPRTGCNFDGAGRGKCQTGDCNGLLQCQAFGQPPNT
LAEYALNQFNNLDFFDISLVDGFNVAMEFSPTSGGCTRGIKCTADINGQCPNELRAPGGCNNPCTVFKTDQYCCNSGNCG
LTNFSKFFKDRCPDAYSYPKDDQTSTFTCPAGTNYKVVFCP
;
_entity_poly.pdbx_strand_id   A
#
# COMPACT_ATOMS: atom_id res chain seq x y z
N ALA A 1 -0.35 -14.95 -11.03
CA ALA A 1 -0.07 -13.46 -10.89
C ALA A 1 1.35 -13.29 -10.33
N THR A 2 2.15 -12.56 -11.07
N THR A 2 2.16 -12.58 -11.07
CA THR A 2 3.46 -12.10 -10.70
CA THR A 2 3.43 -12.12 -10.58
C THR A 2 3.33 -10.62 -10.37
C THR A 2 3.32 -10.64 -10.35
N PHE A 3 4.02 -10.21 -9.31
CA PHE A 3 4.12 -8.79 -8.94
C PHE A 3 5.59 -8.45 -8.97
N ASN A 4 5.92 -7.43 -9.72
CA ASN A 4 7.27 -6.87 -9.75
C ASN A 4 7.25 -5.58 -8.95
N ILE A 5 7.99 -5.62 -7.86
CA ILE A 5 8.00 -4.52 -6.89
C ILE A 5 9.28 -3.79 -7.08
N ILE A 6 9.20 -2.52 -7.46
CA ILE A 6 10.35 -1.78 -7.92
C ILE A 6 10.52 -0.54 -7.09
N ASN A 7 11.75 -0.29 -6.62
CA ASN A 7 12.01 0.94 -5.93
C ASN A 7 12.60 1.98 -6.87
N ASN A 8 11.83 2.98 -7.19
CA ASN A 8 12.35 4.11 -7.95
C ASN A 8 12.67 5.32 -7.12
N CYS A 9 12.58 5.19 -5.79
CA CYS A 9 12.90 6.29 -4.95
C CYS A 9 14.37 6.49 -4.81
N PRO A 10 14.78 7.71 -4.54
CA PRO A 10 16.21 8.02 -4.33
C PRO A 10 16.66 7.75 -2.86
N PHE A 11 16.15 6.76 -2.28
CA PHE A 11 16.50 6.33 -0.93
C PHE A 11 16.10 4.85 -0.92
N THR A 12 16.71 4.14 -0.02
CA THR A 12 16.43 2.72 0.22
C THR A 12 15.00 2.59 0.68
N VAL A 13 14.33 1.59 0.12
CA VAL A 13 12.99 1.22 0.56
C VAL A 13 13.02 -0.24 0.84
N TRP A 14 12.45 -0.64 1.96
CA TRP A 14 12.33 -2.05 2.29
C TRP A 14 10.95 -2.47 1.89
N ALA A 15 10.86 -3.07 0.74
CA ALA A 15 9.56 -3.56 0.27
C ALA A 15 9.05 -4.58 1.23
N ALA A 16 7.73 -4.64 1.37
CA ALA A 16 7.07 -5.59 2.19
C ALA A 16 5.87 -6.14 1.39
N ALA A 17 5.55 -7.39 1.64
CA ALA A 17 4.36 -7.95 0.99
C ALA A 17 3.85 -9.04 1.86
N VAL A 18 2.53 -9.11 1.98
CA VAL A 18 1.89 -10.21 2.66
C VAL A 18 0.80 -10.69 1.74
N PRO A 19 0.96 -11.84 1.09
CA PRO A 19 2.09 -12.73 1.21
C PRO A 19 3.28 -12.22 0.44
N GLY A 20 4.46 -12.69 0.80
CA GLY A 20 5.65 -12.47 0.03
C GLY A 20 6.90 -12.29 0.84
N GLY A 21 6.81 -11.52 1.93
CA GLY A 21 7.90 -11.28 2.83
C GLY A 21 8.42 -9.85 2.69
N GLY A 22 9.68 -9.66 2.39
CA GLY A 22 10.22 -8.36 2.21
C GLY A 22 11.56 -8.40 1.56
N LYS A 23 12.02 -7.23 1.14
CA LYS A 23 13.32 -7.13 0.49
C LYS A 23 13.78 -5.71 0.57
N ARG A 24 15.06 -5.53 0.91
CA ARG A 24 15.72 -4.25 0.90
C ARG A 24 15.98 -3.88 -0.55
N LEU A 25 15.47 -2.74 -0.99
CA LEU A 25 15.69 -2.25 -2.34
C LEU A 25 16.36 -0.92 -2.36
N ASP A 26 17.58 -0.92 -2.91
CA ASP A 26 18.15 0.35 -3.28
C ASP A 26 17.45 0.90 -4.51
N ARG A 27 17.65 2.18 -4.88
CA ARG A 27 17.00 2.71 -6.06
C ARG A 27 17.37 1.83 -7.20
N GLY A 28 16.36 1.53 -7.99
CA GLY A 28 16.46 0.75 -9.17
C GLY A 28 16.38 -0.74 -8.92
N GLN A 29 16.35 -1.21 -7.72
CA GLN A 29 16.25 -2.61 -7.47
C GLN A 29 14.78 -3.04 -7.44
N ASN A 30 14.61 -4.31 -7.70
CA ASN A 30 13.24 -4.87 -7.77
C ASN A 30 13.20 -6.19 -7.06
N TRP A 31 11.96 -6.66 -6.88
CA TRP A 31 11.65 -7.83 -6.13
C TRP A 31 10.42 -8.46 -6.80
N ILE A 32 10.52 -9.69 -7.22
N ILE A 32 10.51 -9.69 -7.24
CA ILE A 32 9.39 -10.33 -7.85
CA ILE A 32 9.39 -10.37 -7.87
C ILE A 32 8.78 -11.34 -6.90
C ILE A 32 8.78 -11.32 -6.89
N ILE A 33 7.48 -11.21 -6.68
CA ILE A 33 6.74 -12.14 -5.87
C ILE A 33 5.67 -12.82 -6.75
N ASN A 34 5.22 -13.96 -6.28
N ASN A 34 5.25 -13.97 -6.26
CA ASN A 34 4.26 -14.78 -7.02
CA ASN A 34 4.29 -14.77 -6.99
C ASN A 34 3.22 -15.31 -6.05
C ASN A 34 3.27 -15.29 -5.98
N PRO A 35 2.29 -14.46 -5.63
CA PRO A 35 1.28 -14.90 -4.71
C PRO A 35 0.46 -16.08 -5.30
N GLY A 36 0.02 -16.95 -4.43
CA GLY A 36 -0.77 -18.07 -4.88
C GLY A 36 -2.08 -17.61 -5.51
N ALA A 37 -2.60 -18.47 -6.35
CA ALA A 37 -3.89 -18.19 -7.00
C ALA A 37 -4.91 -18.00 -5.93
N GLY A 38 -5.78 -16.99 -6.16
CA GLY A 38 -6.84 -16.72 -5.24
C GLY A 38 -6.45 -15.99 -3.97
N THR A 39 -5.22 -15.56 -3.87
CA THR A 39 -4.77 -14.77 -2.72
C THR A 39 -5.71 -13.60 -2.51
N LYS A 40 -6.07 -13.40 -1.28
CA LYS A 40 -6.85 -12.25 -0.92
C LYS A 40 -6.37 -11.64 0.32
N GLY A 41 -6.88 -10.42 0.56
CA GLY A 41 -6.42 -9.74 1.75
C GLY A 41 -4.97 -9.35 1.70
N ALA A 42 -4.43 -9.22 0.49
CA ALA A 42 -3.01 -9.09 0.30
C ALA A 42 -2.60 -7.66 0.19
N ARG A 43 -1.35 -7.42 0.54
CA ARG A 43 -0.79 -6.10 0.46
C ARG A 43 0.63 -6.15 -0.02
N VAL A 44 1.06 -5.05 -0.64
CA VAL A 44 2.45 -4.73 -0.89
C VAL A 44 2.61 -3.31 -0.39
N TRP A 45 3.71 -3.01 0.30
CA TRP A 45 3.92 -1.66 0.76
C TRP A 45 5.39 -1.39 0.90
N PRO A 46 5.74 -0.10 0.85
CA PRO A 46 7.08 0.33 1.12
C PRO A 46 7.25 0.59 2.62
N ARG A 47 8.47 0.38 3.09
CA ARG A 47 8.89 0.74 4.43
C ARG A 47 10.10 1.61 4.32
N THR A 48 10.16 2.63 5.17
CA THR A 48 11.30 3.51 5.19
C THR A 48 11.92 3.54 6.57
N GLY A 49 13.20 3.93 6.57
CA GLY A 49 13.84 4.16 7.87
C GLY A 49 14.04 2.87 8.63
N CYS A 50 14.47 1.83 7.96
CA CYS A 50 14.61 0.51 8.59
C CYS A 50 16.05 0.27 9.04
N ASN A 51 16.17 -0.46 10.13
CA ASN A 51 17.44 -0.98 10.61
C ASN A 51 17.19 -2.40 11.00
N PHE A 52 17.83 -3.28 10.23
CA PHE A 52 17.72 -4.69 10.48
C PHE A 52 19.08 -5.31 10.79
N ASP A 53 19.09 -6.28 11.68
CA ASP A 53 20.28 -7.05 11.92
C ASP A 53 20.45 -8.05 10.78
N GLY A 54 21.51 -8.84 10.87
CA GLY A 54 21.79 -9.77 9.85
C GLY A 54 20.82 -10.91 9.73
N ALA A 55 19.97 -11.10 10.74
CA ALA A 55 18.91 -12.08 10.72
C ALA A 55 17.61 -11.46 10.24
N GLY A 56 17.61 -10.21 9.85
CA GLY A 56 16.39 -9.57 9.37
C GLY A 56 15.45 -9.18 10.49
N ARG A 57 15.98 -8.79 11.64
CA ARG A 57 15.16 -8.38 12.77
CA ARG A 57 15.15 -8.37 12.76
CA ARG A 57 15.15 -8.38 12.75
C ARG A 57 15.57 -6.99 13.18
N GLY A 58 14.62 -6.14 13.41
CA GLY A 58 14.93 -4.78 13.80
C GLY A 58 13.66 -3.95 13.77
N LYS A 59 13.71 -2.83 13.09
CA LYS A 59 12.58 -1.91 13.13
C LYS A 59 12.65 -0.98 11.95
N CYS A 60 11.48 -0.64 11.44
CA CYS A 60 11.31 0.41 10.44
C CYS A 60 10.54 1.58 10.99
N GLN A 61 10.92 2.77 10.57
CA GLN A 61 10.21 3.96 10.95
C GLN A 61 8.79 3.96 10.43
N THR A 62 8.56 3.47 9.21
CA THR A 62 7.24 3.38 8.67
C THR A 62 7.01 1.98 8.15
N GLY A 63 5.78 1.53 8.31
CA GLY A 63 5.36 0.24 7.78
C GLY A 63 5.96 -0.96 8.42
N ASP A 64 6.48 -0.85 9.65
CA ASP A 64 7.12 -1.96 10.29
C ASP A 64 6.18 -3.13 10.49
N CYS A 65 6.62 -4.33 10.21
CA CYS A 65 5.82 -5.51 10.37
C CYS A 65 6.44 -6.40 11.45
N ASN A 66 6.12 -6.09 12.69
CA ASN A 66 6.65 -6.89 13.80
C ASN A 66 8.14 -7.01 13.75
N GLY A 67 8.83 -5.97 13.29
CA GLY A 67 10.25 -5.90 13.35
C GLY A 67 10.97 -6.85 12.41
N LEU A 68 10.30 -7.40 11.41
CA LEU A 68 10.93 -8.34 10.52
C LEU A 68 11.19 -7.72 9.18
N LEU A 69 12.28 -8.12 8.54
CA LEU A 69 12.48 -7.80 7.14
C LEU A 69 11.49 -8.56 6.31
N GLN A 70 11.36 -9.87 6.57
N GLN A 70 11.34 -9.86 6.55
CA GLN A 70 10.49 -10.75 5.83
CA GLN A 70 10.45 -10.64 5.75
C GLN A 70 9.12 -10.71 6.47
C GLN A 70 9.12 -10.72 6.44
N CYS A 71 8.26 -9.80 6.05
CA CYS A 71 7.00 -9.63 6.71
C CYS A 71 6.11 -10.87 6.59
N GLN A 72 5.48 -11.18 7.70
CA GLN A 72 4.40 -12.11 7.79
CA GLN A 72 4.39 -12.12 7.76
C GLN A 72 3.14 -11.51 8.31
N ALA A 73 3.14 -10.22 8.47
CA ALA A 73 2.06 -9.45 9.08
C ALA A 73 2.05 -8.10 8.43
N PHE A 74 0.94 -7.42 8.60
CA PHE A 74 0.78 -6.07 8.12
C PHE A 74 1.67 -5.09 8.89
N GLY A 75 1.87 -3.95 8.26
CA GLY A 75 2.73 -2.92 8.73
C GLY A 75 2.08 -1.90 9.58
N GLN A 76 2.90 -1.18 10.32
N GLN A 76 2.87 -1.18 10.33
CA GLN A 76 2.43 -0.09 11.14
CA GLN A 76 2.43 -0.05 11.11
C GLN A 76 2.26 1.17 10.28
C GLN A 76 2.25 1.15 10.24
N PRO A 77 1.10 1.79 10.36
CA PRO A 77 0.91 3.06 9.63
C PRO A 77 1.90 4.11 10.13
N PRO A 78 2.26 5.07 9.32
CA PRO A 78 1.70 5.29 7.98
C PRO A 78 2.44 4.49 6.95
N ASN A 79 1.67 3.89 6.05
CA ASN A 79 2.28 3.17 4.95
C ASN A 79 1.32 3.18 3.77
N THR A 80 1.81 3.64 2.63
CA THR A 80 1.04 3.58 1.40
C THR A 80 0.82 2.14 1.01
N LEU A 81 -0.41 1.74 0.68
CA LEU A 81 -0.71 0.35 0.45
C LEU A 81 -1.14 0.06 -0.95
N ALA A 82 -0.57 -0.97 -1.53
CA ALA A 82 -1.12 -1.68 -2.66
C ALA A 82 -1.90 -2.85 -2.09
N GLU A 83 -3.19 -2.90 -2.35
CA GLU A 83 -4.03 -3.97 -1.83
C GLU A 83 -4.58 -4.75 -3.00
N TYR A 84 -4.69 -6.07 -2.85
CA TYR A 84 -5.27 -6.84 -3.92
C TYR A 84 -5.92 -8.11 -3.41
N ALA A 85 -6.86 -8.56 -4.25
CA ALA A 85 -7.50 -9.83 -4.11
C ALA A 85 -7.59 -10.41 -5.50
N LEU A 86 -6.94 -11.54 -5.68
CA LEU A 86 -6.92 -12.19 -6.97
C LEU A 86 -8.18 -12.99 -7.16
N ASN A 87 -8.75 -12.91 -8.36
CA ASN A 87 -9.96 -13.66 -8.64
C ASN A 87 -11.03 -13.43 -7.57
N GLN A 88 -11.24 -12.15 -7.27
N GLN A 88 -11.22 -12.14 -7.27
CA GLN A 88 -12.16 -11.77 -6.20
CA GLN A 88 -12.13 -11.73 -6.23
C GLN A 88 -13.59 -12.00 -6.59
C GLN A 88 -13.58 -11.99 -6.58
N PHE A 89 -13.97 -11.66 -7.80
CA PHE A 89 -15.36 -11.65 -8.17
C PHE A 89 -15.44 -11.79 -9.68
N ASN A 90 -16.25 -12.71 -10.16
CA ASN A 90 -16.50 -12.89 -11.57
C ASN A 90 -15.22 -12.86 -12.38
N ASN A 91 -14.22 -13.60 -11.92
CA ASN A 91 -13.00 -13.79 -12.70
C ASN A 91 -12.18 -12.50 -12.84
N LEU A 92 -12.37 -11.59 -11.91
CA LEU A 92 -11.63 -10.36 -11.85
C LEU A 92 -10.82 -10.28 -10.57
N ASP A 93 -9.59 -9.76 -10.75
CA ASP A 93 -8.83 -9.30 -9.62
C ASP A 93 -9.33 -7.93 -9.23
N PHE A 94 -9.41 -7.67 -7.92
CA PHE A 94 -9.76 -6.36 -7.41
CA PHE A 94 -9.76 -6.35 -7.41
C PHE A 94 -8.54 -5.78 -6.73
N PHE A 95 -8.12 -4.60 -7.12
CA PHE A 95 -6.90 -4.05 -6.58
C PHE A 95 -7.08 -2.55 -6.42
N ASP A 96 -6.25 -1.99 -5.55
CA ASP A 96 -6.39 -0.60 -5.21
C ASP A 96 -5.11 -0.13 -4.53
N ILE A 97 -4.95 1.20 -4.54
CA ILE A 97 -4.05 1.85 -3.63
C ILE A 97 -4.90 2.39 -2.50
N SER A 98 -4.44 2.17 -1.27
CA SER A 98 -5.12 2.67 -0.12
C SER A 98 -4.22 3.56 0.68
N LEU A 99 -4.82 4.69 1.11
CA LEU A 99 -4.25 5.61 2.06
C LEU A 99 -5.02 5.55 3.38
N VAL A 100 -5.81 4.51 3.56
CA VAL A 100 -6.54 4.37 4.80
C VAL A 100 -5.63 4.11 6.00
N ASP A 101 -4.47 3.53 5.71
N ASP A 101 -4.46 3.51 5.78
CA ASP A 101 -3.45 3.34 6.67
CA ASP A 101 -3.42 3.40 6.75
C ASP A 101 -2.27 4.30 6.44
C ASP A 101 -2.25 4.32 6.44
N GLY A 102 -2.58 5.47 5.85
CA GLY A 102 -1.67 6.54 5.68
C GLY A 102 -0.84 6.42 4.43
N PHE A 103 0.12 7.36 4.37
CA PHE A 103 1.00 7.50 3.27
C PHE A 103 2.41 7.63 3.81
N ASN A 104 3.35 6.95 3.17
CA ASN A 104 4.75 7.15 3.43
C ASN A 104 5.52 7.52 2.16
N VAL A 105 5.30 6.78 1.08
CA VAL A 105 6.01 6.90 -0.14
C VAL A 105 5.00 6.85 -1.28
N ALA A 106 5.27 7.59 -2.35
CA ALA A 106 4.48 7.57 -3.56
C ALA A 106 4.51 6.16 -4.18
N MET A 107 3.42 5.86 -4.90
CA MET A 107 3.27 4.50 -5.40
C MET A 107 2.55 4.51 -6.71
N GLU A 108 2.94 3.61 -7.59
CA GLU A 108 2.13 3.15 -8.71
C GLU A 108 1.84 1.70 -8.51
N PHE A 109 0.60 1.32 -8.82
CA PHE A 109 0.19 -0.08 -8.76
C PHE A 109 -0.58 -0.30 -10.05
N SER A 110 0.09 -1.02 -10.97
N SER A 110 0.01 -1.08 -10.98
CA SER A 110 -0.43 -1.14 -12.34
CA SER A 110 -0.67 -1.12 -12.28
C SER A 110 -0.27 -2.55 -12.86
C SER A 110 -0.32 -2.46 -12.89
N PRO A 111 -1.14 -2.94 -13.78
CA PRO A 111 -0.90 -4.17 -14.50
C PRO A 111 0.29 -4.01 -15.40
N THR A 112 0.97 -5.13 -15.64
CA THR A 112 2.06 -5.18 -16.59
C THR A 112 1.74 -6.02 -17.79
N SER A 113 0.78 -6.87 -17.69
CA SER A 113 0.43 -7.77 -18.77
C SER A 113 -0.56 -7.12 -19.69
N GLY A 114 -0.57 -7.58 -20.93
CA GLY A 114 -1.26 -6.86 -21.95
C GLY A 114 -2.77 -6.90 -21.85
N GLY A 115 -3.29 -7.82 -21.09
CA GLY A 115 -4.71 -7.92 -20.90
C GLY A 115 -5.34 -6.92 -19.96
N CYS A 116 -4.54 -6.03 -19.38
CA CYS A 116 -5.08 -5.01 -18.51
C CYS A 116 -4.20 -3.80 -18.65
N THR A 117 -4.80 -2.64 -18.84
CA THR A 117 -4.01 -1.49 -19.17
C THR A 117 -4.27 -0.29 -18.25
N ARG A 118 -5.14 -0.40 -17.27
CA ARG A 118 -5.41 0.71 -16.39
C ARG A 118 -4.85 0.40 -15.01
N GLY A 119 -4.05 1.29 -14.53
CA GLY A 119 -3.47 1.20 -13.21
C GLY A 119 -3.72 2.43 -12.40
N ILE A 120 -2.96 2.55 -11.32
CA ILE A 120 -3.26 3.46 -10.23
C ILE A 120 -1.97 4.13 -9.82
N LYS A 121 -2.04 5.40 -9.54
CA LYS A 121 -0.87 6.10 -9.00
C LYS A 121 -1.31 7.02 -7.90
N CYS A 122 -0.34 7.27 -7.02
CA CYS A 122 -0.48 8.30 -5.98
C CYS A 122 0.88 8.88 -5.79
N THR A 123 1.07 10.09 -6.32
CA THR A 123 2.40 10.65 -6.44
C THR A 123 2.53 12.03 -5.86
N ALA A 124 1.48 12.58 -5.29
CA ALA A 124 1.52 13.89 -4.70
C ALA A 124 2.47 13.89 -3.54
N ASP A 125 2.90 15.11 -3.19
CA ASP A 125 3.76 15.30 -2.03
C ASP A 125 2.95 15.35 -0.77
N ILE A 126 2.38 14.20 -0.43
CA ILE A 126 1.55 14.09 0.73
C ILE A 126 2.33 14.34 2.00
N ASN A 127 3.59 13.87 2.07
CA ASN A 127 4.29 14.14 3.32
C ASN A 127 4.54 15.62 3.50
N GLY A 128 4.93 16.31 2.44
CA GLY A 128 5.23 17.72 2.58
C GLY A 128 3.99 18.50 2.94
N GLN A 129 2.84 18.09 2.42
CA GLN A 129 1.64 18.83 2.58
C GLN A 129 0.76 18.35 3.74
N CYS A 130 1.18 17.28 4.42
CA CYS A 130 0.37 16.63 5.40
C CYS A 130 -0.15 17.59 6.46
N PRO A 131 -1.41 17.53 6.81
CA PRO A 131 -1.89 18.30 7.95
C PRO A 131 -1.12 17.97 9.18
N ASN A 132 -0.84 18.99 9.99
CA ASN A 132 -0.06 18.73 11.18
C ASN A 132 -0.71 17.71 12.09
N GLU A 133 -2.06 17.67 12.08
CA GLU A 133 -2.76 16.74 12.90
C GLU A 133 -2.46 15.30 12.54
N LEU A 134 -2.07 15.08 11.30
CA LEU A 134 -1.90 13.76 10.74
C LEU A 134 -0.44 13.33 10.61
N ARG A 135 0.48 14.25 10.82
CA ARG A 135 1.85 13.92 10.59
C ARG A 135 2.33 12.87 11.57
N ALA A 136 3.19 12.00 11.07
CA ALA A 136 3.84 11.00 11.90
C ALA A 136 5.24 10.91 11.39
N PRO A 137 6.16 10.34 12.14
CA PRO A 137 7.52 10.22 11.65
C PRO A 137 7.48 9.43 10.37
N GLY A 138 8.06 10.04 9.34
CA GLY A 138 8.14 9.37 8.01
C GLY A 138 6.91 9.36 7.16
N GLY A 139 5.82 9.99 7.58
CA GLY A 139 4.63 9.90 6.74
C GLY A 139 3.50 10.72 7.26
N CYS A 140 2.31 10.35 6.79
CA CYS A 140 1.11 11.12 6.99
C CYS A 140 0.01 10.13 7.27
N ASN A 141 -0.50 10.10 8.49
CA ASN A 141 -1.51 9.13 8.87
C ASN A 141 -2.88 9.53 8.39
N ASN A 142 -3.67 8.49 8.15
CA ASN A 142 -5.09 8.72 7.93
C ASN A 142 -5.75 9.14 9.21
N PRO A 143 -6.80 9.96 9.15
CA PRO A 143 -7.52 10.33 10.37
C PRO A 143 -8.10 9.15 11.11
N CYS A 144 -8.40 8.04 10.43
CA CYS A 144 -8.90 6.90 11.20
C CYS A 144 -7.86 6.45 12.20
N THR A 145 -6.60 6.36 11.78
CA THR A 145 -5.54 5.98 12.67
C THR A 145 -5.40 6.98 13.82
N VAL A 146 -5.44 8.26 13.50
CA VAL A 146 -5.17 9.28 14.48
C VAL A 146 -6.35 9.40 15.47
N PHE A 147 -7.55 9.47 14.97
CA PHE A 147 -8.66 9.83 15.81
C PHE A 147 -9.56 8.67 16.20
N LYS A 148 -9.60 7.60 15.41
CA LYS A 148 -10.22 6.36 15.81
C LYS A 148 -11.69 6.53 16.08
N THR A 149 -12.40 7.29 15.29
CA THR A 149 -13.83 7.44 15.39
C THR A 149 -14.54 6.86 14.20
N ASP A 150 -15.84 6.60 14.34
CA ASP A 150 -16.64 6.06 13.28
C ASP A 150 -16.61 6.96 12.07
N GLN A 151 -16.61 8.28 12.32
CA GLN A 151 -16.63 9.19 11.21
C GLN A 151 -15.48 8.93 10.23
N TYR A 152 -14.33 8.56 10.77
CA TYR A 152 -13.16 8.30 9.95
C TYR A 152 -12.96 6.83 9.64
N CYS A 153 -13.46 5.95 10.50
CA CYS A 153 -13.13 4.56 10.44
C CYS A 153 -14.24 3.68 9.89
N CYS A 154 -15.47 4.21 9.82
CA CYS A 154 -16.54 3.56 9.08
C CYS A 154 -17.01 2.25 9.68
N ASN A 155 -16.81 2.07 10.96
CA ASN A 155 -17.20 0.76 11.47
C ASN A 155 -18.64 0.50 11.31
N SER A 156 -19.47 1.54 11.43
CA SER A 156 -20.88 1.38 11.35
CA SER A 156 -20.92 1.43 11.34
C SER A 156 -21.42 1.11 9.96
N GLY A 157 -20.59 1.21 8.94
CA GLY A 157 -21.02 1.08 7.57
C GLY A 157 -21.46 2.36 6.95
N ASN A 158 -21.41 3.46 7.69
CA ASN A 158 -21.69 4.75 7.17
C ASN A 158 -20.45 5.59 7.55
N CYS A 159 -20.09 6.39 6.59
CA CYS A 159 -19.05 7.36 6.61
C CYS A 159 -18.93 7.89 5.19
N GLY A 160 -18.18 8.97 5.07
CA GLY A 160 -17.89 9.52 3.80
C GLY A 160 -16.68 10.37 3.85
N LEU A 161 -16.50 11.21 2.85
CA LEU A 161 -15.30 12.06 2.82
C LEU A 161 -15.39 13.06 3.94
N THR A 162 -14.26 13.32 4.55
CA THR A 162 -14.13 14.27 5.59
C THR A 162 -13.08 15.27 5.21
N ASN A 163 -12.89 16.28 6.03
CA ASN A 163 -11.83 17.21 5.67
C ASN A 163 -10.47 16.50 5.59
N PHE A 164 -10.23 15.58 6.52
CA PHE A 164 -8.94 14.93 6.54
C PHE A 164 -8.82 13.84 5.46
N SER A 165 -9.87 13.11 5.13
CA SER A 165 -9.76 12.22 3.97
C SER A 165 -9.66 12.98 2.67
N LYS A 166 -10.34 14.12 2.58
N LYS A 166 -10.35 14.12 2.58
CA LYS A 166 -10.28 14.93 1.39
CA LYS A 166 -10.29 14.93 1.38
C LYS A 166 -8.85 15.37 1.12
C LYS A 166 -8.87 15.40 1.11
N PHE A 167 -8.08 15.62 2.17
CA PHE A 167 -6.68 15.94 1.97
C PHE A 167 -6.01 14.91 1.06
N PHE A 168 -6.23 13.62 1.40
CA PHE A 168 -5.66 12.58 0.61
C PHE A 168 -6.31 12.46 -0.76
N LYS A 169 -7.66 12.52 -0.78
CA LYS A 169 -8.38 12.26 -1.99
C LYS A 169 -8.14 13.29 -3.05
N ASP A 170 -8.00 14.55 -2.62
CA ASP A 170 -7.70 15.59 -3.60
C ASP A 170 -6.38 15.33 -4.31
N ARG A 171 -5.43 14.78 -3.52
CA ARG A 171 -4.08 14.60 -3.97
C ARG A 171 -3.87 13.29 -4.74
N CYS A 172 -4.61 12.26 -4.34
CA CYS A 172 -4.56 10.96 -4.98
C CYS A 172 -5.96 10.50 -5.22
N PRO A 173 -6.62 11.05 -6.24
CA PRO A 173 -8.02 10.77 -6.47
C PRO A 173 -8.34 9.32 -6.68
N ASP A 174 -7.40 8.53 -7.16
CA ASP A 174 -7.69 7.16 -7.47
C ASP A 174 -7.45 6.21 -6.32
N ALA A 175 -7.01 6.67 -5.15
CA ALA A 175 -6.72 5.84 -4.02
C ALA A 175 -7.83 5.94 -2.98
N TYR A 176 -8.01 4.87 -2.24
CA TYR A 176 -8.91 4.96 -1.09
C TYR A 176 -8.37 5.98 -0.08
N SER A 177 -9.22 6.93 0.25
CA SER A 177 -8.89 7.92 1.26
C SER A 177 -9.53 7.65 2.59
N TYR A 178 -10.55 6.78 2.60
CA TYR A 178 -11.26 6.39 3.77
C TYR A 178 -11.82 5.00 3.47
N PRO A 179 -12.27 4.28 4.48
CA PRO A 179 -12.60 2.86 4.24
C PRO A 179 -13.64 2.59 3.19
N LYS A 180 -14.63 3.46 3.09
CA LYS A 180 -15.73 3.28 2.16
C LYS A 180 -15.62 4.09 0.91
N ASP A 181 -14.38 4.41 0.51
CA ASP A 181 -14.12 5.16 -0.70
C ASP A 181 -14.13 4.30 -1.95
N ASP A 182 -15.01 3.33 -1.99
CA ASP A 182 -14.98 2.32 -3.01
C ASP A 182 -15.26 2.82 -4.42
N GLN A 183 -16.19 3.72 -4.56
CA GLN A 183 -16.73 4.06 -5.87
C GLN A 183 -15.69 4.58 -6.77
N THR A 184 -14.68 5.29 -6.25
CA THR A 184 -13.67 5.89 -7.04
C THR A 184 -12.29 5.28 -6.85
N SER A 185 -12.22 4.14 -6.17
CA SER A 185 -10.93 3.59 -5.81
C SER A 185 -10.76 2.15 -6.12
N THR A 186 -11.78 1.49 -6.71
CA THR A 186 -11.72 0.07 -6.95
C THR A 186 -11.31 -0.16 -8.39
N PHE A 187 -10.23 -0.87 -8.59
CA PHE A 187 -9.77 -1.20 -9.92
C PHE A 187 -9.88 -2.71 -10.09
N THR A 188 -10.07 -3.11 -11.35
CA THR A 188 -10.12 -4.53 -11.65
C THR A 188 -9.27 -4.79 -12.88
N CYS A 189 -8.78 -6.03 -12.92
CA CYS A 189 -8.16 -6.58 -14.08
C CYS A 189 -8.62 -8.02 -14.21
N PRO A 190 -8.56 -8.60 -15.40
CA PRO A 190 -8.92 -9.99 -15.53
C PRO A 190 -7.99 -10.86 -14.70
N ALA A 191 -8.53 -11.88 -14.11
CA ALA A 191 -7.70 -12.82 -13.38
C ALA A 191 -6.63 -13.34 -14.35
N GLY A 192 -5.43 -13.48 -13.81
CA GLY A 192 -4.28 -13.88 -14.60
C GLY A 192 -3.38 -12.74 -14.96
N THR A 193 -3.82 -11.50 -14.72
CA THR A 193 -2.98 -10.34 -14.89
C THR A 193 -1.77 -10.39 -13.95
N ASN A 194 -0.67 -9.84 -14.46
CA ASN A 194 0.50 -9.57 -13.65
C ASN A 194 0.60 -8.07 -13.40
N TYR A 195 1.32 -7.72 -12.34
CA TYR A 195 1.31 -6.36 -11.86
C TYR A 195 2.70 -5.88 -11.51
N LYS A 196 2.79 -4.57 -11.34
CA LYS A 196 3.96 -3.96 -10.75
C LYS A 196 3.48 -3.03 -9.65
N VAL A 197 4.31 -2.90 -8.65
CA VAL A 197 4.14 -1.91 -7.59
C VAL A 197 5.45 -1.14 -7.57
N VAL A 198 5.38 0.16 -7.86
CA VAL A 198 6.55 0.96 -8.01
C VAL A 198 6.52 2.02 -6.94
N PHE A 199 7.59 2.11 -6.16
CA PHE A 199 7.73 3.16 -5.19
C PHE A 199 8.38 4.35 -5.84
N CYS A 200 7.82 5.51 -5.56
CA CYS A 200 8.29 6.77 -6.21
C CYS A 200 8.27 6.66 -7.73
N PRO A 201 7.15 6.30 -8.32
CA PRO A 201 7.11 6.18 -9.75
C PRO A 201 7.33 7.58 -10.41
#